data_4O0T
#
_entry.id   4O0T
#
_cell.length_a   63.656
_cell.length_b   79.170
_cell.length_c   66.343
_cell.angle_alpha   90.00
_cell.angle_beta   106.97
_cell.angle_gamma   90.00
#
_symmetry.space_group_name_H-M   'P 1 21 1'
#
loop_
_entity.id
_entity.type
_entity.pdbx_description
1 polymer 'Serine/threonine-protein kinase PAK 1'
2 non-polymer 1-({1-(2-aminopyrimidin-4-yl)-2-[(2-methoxyethyl)amino]-1H-benzimidazol-6-yl}ethynyl)cyclohexanol
3 water water
#
_entity_poly.entity_id   1
_entity_poly.type   'polypeptide(L)'
_entity_poly.pdbx_seq_one_letter_code
;SDEEILEKLRSIVSVGDPKKKYTRFEKIGQGASGTVYTAMDVATGQEVAIKQMNLQQQPKKELIINEILVMRENKNPNIV
NYLDSYLVGDELWVVMEYLAGGSLTDVVTETCMDEGQIAAVCRECLQALEFLHSNQVIHRNIKSDNILLGMDGSVKLTDF
GFCAQITPEQSKRSEMVGTPYWMAPEVVTRKAYGPKVDIWSLGIMAIEMIEGEPPYLNENPLRALYLIATNGTPELQNPE
KLSAIFRDFLNRCLEMDVEKRGSAKELLQHQFLKIAKPLSSLTPLIAAAKEATKNNHGNS
;
_entity_poly.pdbx_strand_id   A,B
#
loop_
_chem_comp.id
_chem_comp.type
_chem_comp.name
_chem_comp.formula
2OL non-polymer 1-({1-(2-aminopyrimidin-4-yl)-2-[(2-methoxyethyl)amino]-1H-benzimidazol-6-yl}ethynyl)cyclohexanol 'C22 H26 N6 O2'
#
# COMPACT_ATOMS: atom_id res chain seq x y z
N GLU A 3 19.86 -5.22 -2.19
CA GLU A 3 20.33 -6.38 -2.95
C GLU A 3 20.76 -5.99 -4.36
N GLU A 4 21.26 -6.98 -5.10
CA GLU A 4 21.64 -6.77 -6.48
C GLU A 4 20.38 -6.69 -7.34
N ILE A 5 19.25 -6.93 -6.69
CA ILE A 5 17.95 -6.86 -7.35
C ILE A 5 17.70 -5.47 -7.93
N LEU A 6 18.34 -4.46 -7.34
CA LEU A 6 18.27 -3.11 -7.87
C LEU A 6 19.19 -2.96 -9.07
N GLU A 7 20.29 -3.72 -9.05
CA GLU A 7 21.24 -3.69 -10.17
C GLU A 7 20.73 -4.49 -11.35
N LYS A 8 19.98 -5.56 -11.07
CA LYS A 8 19.32 -6.34 -12.10
C LYS A 8 18.34 -5.44 -12.86
N LEU A 9 17.70 -4.53 -12.12
CA LEU A 9 16.76 -3.58 -12.70
C LEU A 9 17.48 -2.50 -13.51
N ARG A 10 18.70 -2.16 -13.10
CA ARG A 10 19.46 -1.13 -13.78
C ARG A 10 19.95 -1.59 -15.16
N SER A 11 19.91 -2.89 -15.40
CA SER A 11 20.39 -3.45 -16.66
C SER A 11 19.23 -3.70 -17.63
N ILE A 12 18.01 -3.52 -17.14
CA ILE A 12 16.84 -3.72 -17.97
C ILE A 12 16.35 -2.40 -18.56
N VAL A 13 16.34 -1.36 -17.73
CA VAL A 13 15.83 -0.05 -18.14
C VAL A 13 16.73 0.59 -19.19
N SER A 14 16.19 1.59 -19.88
CA SER A 14 16.97 2.33 -20.86
C SER A 14 17.68 3.50 -20.20
N VAL A 15 18.58 4.13 -20.94
CA VAL A 15 19.26 5.32 -20.44
C VAL A 15 18.78 6.57 -21.18
N GLY A 16 18.60 7.65 -20.43
CA GLY A 16 18.09 8.89 -20.99
C GLY A 16 17.84 9.90 -19.89
N ASP A 17 17.33 11.08 -20.27
CA ASP A 17 17.08 12.14 -19.30
C ASP A 17 16.15 11.72 -18.15
N PRO A 18 14.97 11.14 -18.46
CA PRO A 18 14.26 10.93 -19.72
C PRO A 18 13.30 12.09 -19.99
N LYS A 19 13.48 13.17 -19.25
CA LYS A 19 12.69 14.39 -19.42
C LYS A 19 13.22 15.20 -20.59
N LYS A 20 13.65 14.52 -21.65
CA LYS A 20 14.15 15.15 -22.85
C LYS A 20 13.28 14.75 -24.03
N LYS A 21 12.95 13.47 -24.09
CA LYS A 21 12.04 12.98 -25.12
C LYS A 21 10.61 13.37 -24.75
N TYR A 22 10.13 12.82 -23.64
CA TYR A 22 8.74 12.99 -23.25
C TYR A 22 8.42 14.37 -22.67
N THR A 23 7.41 15.03 -23.25
CA THR A 23 6.95 16.33 -22.78
C THR A 23 5.46 16.31 -22.49
N ARG A 24 4.93 17.45 -22.05
CA ARG A 24 3.49 17.61 -21.81
C ARG A 24 2.92 16.65 -20.75
N PHE A 25 3.47 16.69 -19.55
CA PHE A 25 3.04 15.80 -18.48
C PHE A 25 1.72 16.24 -17.83
N GLU A 26 0.82 15.27 -17.60
CA GLU A 26 -0.42 15.52 -16.88
C GLU A 26 -0.79 14.31 -16.02
N LYS A 27 -0.97 14.53 -14.72
CA LYS A 27 -1.33 13.46 -13.79
C LYS A 27 -2.75 12.96 -14.03
N ILE A 28 -2.89 11.71 -14.46
CA ILE A 28 -4.20 11.14 -14.74
C ILE A 28 -4.55 9.97 -13.82
N GLY A 29 -3.72 9.71 -12.82
CA GLY A 29 -3.96 8.61 -11.90
C GLY A 29 -2.93 8.49 -10.80
N GLN A 30 -3.32 7.84 -9.70
CA GLN A 30 -2.44 7.64 -8.56
C GLN A 30 -2.97 6.51 -7.67
N GLY A 31 -2.28 5.38 -7.69
CA GLY A 31 -2.71 4.22 -6.91
C GLY A 31 -1.55 3.49 -6.27
N ALA A 32 -1.72 2.19 -6.07
CA ALA A 32 -0.67 1.36 -5.47
C ALA A 32 0.44 1.07 -6.49
N SER A 33 0.12 1.22 -7.76
CA SER A 33 1.08 0.97 -8.84
C SER A 33 1.92 2.20 -9.12
N GLY A 34 1.60 3.30 -8.44
CA GLY A 34 2.33 4.54 -8.61
C GLY A 34 1.53 5.57 -9.38
N THR A 35 2.03 6.81 -9.43
CA THR A 35 1.34 7.89 -10.12
C THR A 35 1.46 7.75 -11.63
N VAL A 36 0.34 7.95 -12.32
CA VAL A 36 0.28 7.77 -13.77
C VAL A 36 0.11 9.09 -14.50
N TYR A 37 0.93 9.31 -15.51
CA TYR A 37 0.88 10.54 -16.28
C TYR A 37 0.61 10.25 -17.75
N THR A 38 0.06 11.24 -18.44
CA THR A 38 -0.01 11.19 -19.89
C THR A 38 1.08 12.13 -20.42
N ALA A 39 1.66 11.79 -21.56
CA ALA A 39 2.73 12.61 -22.13
C ALA A 39 2.95 12.31 -23.60
N MET A 40 3.99 12.91 -24.16
CA MET A 40 4.33 12.70 -25.56
C MET A 40 5.82 12.97 -25.78
N ASP A 41 6.48 12.08 -26.50
CA ASP A 41 7.88 12.27 -26.82
C ASP A 41 8.02 12.98 -28.15
N VAL A 42 9.11 13.72 -28.32
CA VAL A 42 9.40 14.33 -29.59
C VAL A 42 9.57 13.19 -30.59
N ALA A 43 8.77 13.22 -31.66
CA ALA A 43 8.53 12.04 -32.49
C ALA A 43 7.98 10.93 -31.61
N THR A 44 6.66 10.89 -31.34
CA THR A 44 5.57 11.66 -31.95
C THR A 44 5.25 11.24 -33.40
N GLY A 45 3.96 11.23 -33.78
CA GLY A 45 2.88 11.69 -32.93
C GLY A 45 2.25 10.64 -32.02
N GLN A 46 3.08 9.94 -31.27
CA GLN A 46 2.59 8.94 -30.33
C GLN A 46 2.43 9.52 -28.94
N GLU A 47 1.22 9.40 -28.40
CA GLU A 47 0.94 9.81 -27.03
C GLU A 47 1.17 8.60 -26.14
N VAL A 48 1.73 8.82 -24.95
CA VAL A 48 2.06 7.70 -24.08
C VAL A 48 1.59 7.88 -22.64
N ALA A 49 1.53 6.77 -21.92
CA ALA A 49 1.25 6.78 -20.49
C ALA A 49 2.54 6.43 -19.74
N ILE A 50 2.87 7.22 -18.72
CA ILE A 50 4.05 6.97 -17.91
C ILE A 50 3.69 6.80 -16.44
N LYS A 51 3.86 5.58 -15.93
CA LYS A 51 3.59 5.27 -14.54
C LYS A 51 4.87 5.38 -13.73
N GLN A 52 4.78 5.94 -12.52
CA GLN A 52 5.96 6.22 -11.72
C GLN A 52 5.90 5.62 -10.31
N MET A 53 6.83 4.70 -10.04
CA MET A 53 6.94 4.09 -8.71
C MET A 53 8.06 4.73 -7.90
N ASN A 54 7.82 4.89 -6.60
CA ASN A 54 8.88 5.27 -5.67
C ASN A 54 9.47 4.04 -5.01
N LEU A 55 10.58 3.55 -5.55
CA LEU A 55 11.17 2.29 -5.11
C LEU A 55 11.77 2.39 -3.71
N GLN A 56 12.43 3.51 -3.45
CA GLN A 56 13.01 3.75 -2.13
C GLN A 56 12.05 4.52 -1.25
N GLN A 57 10.78 4.13 -1.29
CA GLN A 57 9.74 4.77 -0.49
C GLN A 57 8.56 3.83 -0.30
N GLN A 58 8.49 2.79 -1.13
CA GLN A 58 7.46 1.76 -1.03
C GLN A 58 7.86 0.54 -1.83
N PRO A 59 8.90 -0.18 -1.39
CA PRO A 59 9.45 -1.30 -2.17
C PRO A 59 8.55 -2.53 -2.15
N LYS A 60 8.97 -3.58 -2.84
CA LYS A 60 8.26 -4.86 -2.80
C LYS A 60 9.19 -6.10 -2.66
N LYS A 61 10.15 -6.33 -3.56
CA LYS A 61 10.40 -5.56 -4.78
C LYS A 61 10.69 -6.51 -5.95
N GLU A 62 10.37 -7.78 -5.75
CA GLU A 62 10.57 -8.81 -6.75
C GLU A 62 9.57 -8.68 -7.90
N LEU A 63 8.36 -8.25 -7.58
CA LEU A 63 7.29 -8.13 -8.56
C LEU A 63 7.50 -6.95 -9.50
N ILE A 64 8.28 -5.97 -9.07
CA ILE A 64 8.58 -4.80 -9.89
C ILE A 64 9.30 -5.19 -11.17
N ILE A 65 10.39 -5.95 -11.03
CA ILE A 65 11.16 -6.41 -12.16
C ILE A 65 10.33 -7.37 -13.01
N ASN A 66 9.54 -8.20 -12.34
CA ASN A 66 8.71 -9.20 -13.01
C ASN A 66 7.71 -8.57 -13.97
N GLU A 67 7.25 -7.37 -13.64
CA GLU A 67 6.34 -6.64 -14.51
C GLU A 67 7.00 -6.34 -15.86
N ILE A 68 8.18 -5.72 -15.82
CA ILE A 68 8.88 -5.31 -17.03
C ILE A 68 9.26 -6.50 -17.90
N LEU A 69 9.84 -7.52 -17.27
CA LEU A 69 10.36 -8.69 -17.98
C LEU A 69 9.25 -9.47 -18.69
N VAL A 70 8.16 -9.73 -17.98
CA VAL A 70 7.07 -10.51 -18.55
C VAL A 70 6.33 -9.72 -19.62
N MET A 71 6.13 -8.43 -19.39
CA MET A 71 5.33 -7.62 -20.31
C MET A 71 6.04 -7.23 -21.59
N ARG A 72 7.34 -6.96 -21.52
CA ARG A 72 8.07 -6.50 -22.69
C ARG A 72 8.14 -7.55 -23.80
N GLU A 73 7.88 -8.80 -23.45
CA GLU A 73 7.86 -9.87 -24.44
C GLU A 73 6.50 -10.54 -24.56
N ASN A 74 5.45 -9.80 -24.21
CA ASN A 74 4.08 -10.29 -24.36
C ASN A 74 3.13 -9.21 -24.88
N LYS A 75 3.15 -8.98 -26.18
CA LYS A 75 2.32 -7.95 -26.81
C LYS A 75 1.01 -8.52 -27.34
N ASN A 76 -0.06 -7.76 -27.19
CA ASN A 76 -1.39 -8.20 -27.61
C ASN A 76 -2.34 -7.02 -27.74
N PRO A 77 -3.23 -7.06 -28.74
CA PRO A 77 -4.22 -5.99 -28.94
C PRO A 77 -5.13 -5.76 -27.72
N ASN A 78 -5.38 -6.79 -26.93
CA ASN A 78 -6.24 -6.66 -25.75
C ASN A 78 -5.46 -6.39 -24.46
N ILE A 79 -4.23 -5.93 -24.61
CA ILE A 79 -3.38 -5.58 -23.48
C ILE A 79 -2.74 -4.22 -23.73
N VAL A 80 -2.69 -3.38 -22.70
CA VAL A 80 -1.92 -2.15 -22.78
C VAL A 80 -0.44 -2.53 -22.94
N ASN A 81 0.18 -2.09 -24.03
CA ASN A 81 1.51 -2.59 -24.39
C ASN A 81 2.70 -1.76 -23.89
N TYR A 82 3.65 -2.48 -23.28
CA TYR A 82 4.89 -1.89 -22.77
C TYR A 82 5.69 -1.25 -23.90
N LEU A 83 6.21 -0.04 -23.65
CA LEU A 83 7.02 0.66 -24.64
C LEU A 83 8.48 0.74 -24.23
N ASP A 84 8.72 1.19 -23.00
CA ASP A 84 10.08 1.39 -22.52
C ASP A 84 10.07 1.56 -21.00
N SER A 85 11.25 1.70 -20.41
CA SER A 85 11.35 1.98 -18.97
C SER A 85 12.65 2.68 -18.61
N TYR A 86 12.56 3.66 -17.73
CA TYR A 86 13.73 4.37 -17.24
C TYR A 86 13.74 4.36 -15.72
N LEU A 87 14.88 4.69 -15.15
CA LEU A 87 15.00 4.86 -13.71
C LEU A 87 15.65 6.21 -13.45
N VAL A 88 15.01 7.04 -12.66
CA VAL A 88 15.56 8.34 -12.31
C VAL A 88 15.46 8.59 -10.80
N GLY A 89 16.62 8.76 -10.16
CA GLY A 89 16.68 8.93 -8.73
C GLY A 89 16.19 7.70 -7.98
N ASP A 90 15.13 7.88 -7.22
CA ASP A 90 14.51 6.78 -6.47
C ASP A 90 13.28 6.25 -7.21
N GLU A 91 13.00 6.82 -8.38
CA GLU A 91 11.78 6.49 -9.10
C GLU A 91 11.99 5.55 -10.28
N LEU A 92 11.02 4.65 -10.47
CA LEU A 92 10.98 3.81 -11.67
C LEU A 92 9.87 4.28 -12.60
N TRP A 93 10.21 4.52 -13.86
CA TRP A 93 9.24 4.95 -14.84
C TRP A 93 8.97 3.84 -15.84
N VAL A 94 7.69 3.57 -16.08
CA VAL A 94 7.30 2.61 -17.10
C VAL A 94 6.50 3.29 -18.20
N VAL A 95 7.02 3.24 -19.42
CA VAL A 95 6.36 3.85 -20.57
C VAL A 95 5.51 2.81 -21.29
N MET A 96 4.26 3.15 -21.53
CA MET A 96 3.32 2.22 -22.15
C MET A 96 2.34 2.97 -23.05
N GLU A 97 1.56 2.21 -23.82
CA GLU A 97 0.53 2.82 -24.67
C GLU A 97 -0.51 3.54 -23.85
N TYR A 98 -1.28 4.40 -24.50
CA TYR A 98 -2.37 5.10 -23.86
C TYR A 98 -3.62 5.10 -24.72
N LEU A 99 -4.77 4.79 -24.10
CA LEU A 99 -6.06 5.06 -24.71
C LEU A 99 -6.94 5.84 -23.75
N ALA A 100 -7.65 6.84 -24.27
CA ALA A 100 -8.53 7.65 -23.44
C ALA A 100 -9.91 7.00 -23.35
N GLY A 101 -10.59 7.21 -22.22
CA GLY A 101 -11.95 6.74 -22.07
C GLY A 101 -12.26 5.89 -20.85
N GLY A 102 -11.70 6.27 -19.70
CA GLY A 102 -12.09 5.70 -18.42
C GLY A 102 -11.96 4.19 -18.21
N SER A 103 -12.11 3.78 -16.96
CA SER A 103 -12.06 2.37 -16.62
C SER A 103 -13.45 1.76 -16.71
N LEU A 104 -13.49 0.42 -16.71
CA LEU A 104 -14.76 -0.31 -16.70
C LEU A 104 -15.49 -0.06 -15.38
N THR A 105 -14.71 0.23 -14.33
CA THR A 105 -15.26 0.51 -13.01
C THR A 105 -16.26 1.65 -13.02
N ASP A 106 -15.95 2.71 -13.75
CA ASP A 106 -16.83 3.86 -13.82
C ASP A 106 -18.11 3.54 -14.58
N VAL A 107 -18.01 2.62 -15.54
CA VAL A 107 -19.18 2.16 -16.28
C VAL A 107 -20.07 1.28 -15.41
N VAL A 108 -19.46 0.32 -14.70
CA VAL A 108 -20.24 -0.67 -13.96
C VAL A 108 -20.88 -0.13 -12.68
N THR A 109 -20.39 0.99 -12.16
CA THR A 109 -20.94 1.55 -10.93
C THR A 109 -21.86 2.75 -11.14
N GLU A 110 -22.02 3.20 -12.37
CA GLU A 110 -22.87 4.35 -12.63
C GLU A 110 -23.90 4.11 -13.74
N THR A 111 -23.77 2.99 -14.44
CA THR A 111 -24.71 2.65 -15.50
C THR A 111 -25.16 1.21 -15.42
N CYS A 112 -25.95 0.80 -16.40
CA CYS A 112 -26.47 -0.55 -16.48
C CYS A 112 -26.13 -1.10 -17.87
N MET A 113 -25.49 -2.26 -17.90
CA MET A 113 -25.08 -2.86 -19.16
C MET A 113 -26.04 -3.98 -19.54
N ASP A 114 -26.43 -4.04 -20.80
CA ASP A 114 -27.25 -5.17 -21.25
C ASP A 114 -26.37 -6.37 -21.53
N GLU A 115 -27.00 -7.53 -21.72
CA GLU A 115 -26.25 -8.77 -21.89
C GLU A 115 -25.39 -8.78 -23.15
N GLY A 116 -25.79 -8.00 -24.14
CA GLY A 116 -25.01 -7.86 -25.37
C GLY A 116 -23.72 -7.10 -25.11
N GLN A 117 -23.79 -6.10 -24.24
CA GLN A 117 -22.62 -5.29 -23.90
C GLN A 117 -21.66 -6.05 -22.99
N ILE A 118 -22.22 -6.81 -22.04
CA ILE A 118 -21.43 -7.63 -21.14
C ILE A 118 -20.71 -8.72 -21.93
N ALA A 119 -21.38 -9.24 -22.97
CA ALA A 119 -20.81 -10.30 -23.79
C ALA A 119 -19.63 -9.81 -24.63
N ALA A 120 -19.69 -8.55 -25.05
CA ALA A 120 -18.61 -7.98 -25.85
C ALA A 120 -17.37 -7.77 -24.98
N VAL A 121 -17.58 -7.22 -23.78
CA VAL A 121 -16.49 -7.00 -22.84
C VAL A 121 -15.85 -8.32 -22.45
N CYS A 122 -16.67 -9.32 -22.20
CA CYS A 122 -16.19 -10.64 -21.80
C CYS A 122 -15.39 -11.33 -22.91
N ARG A 123 -15.81 -11.12 -24.16
CA ARG A 123 -15.12 -11.73 -25.29
C ARG A 123 -13.71 -11.18 -25.39
N GLU A 124 -13.59 -9.85 -25.33
CA GLU A 124 -12.31 -9.19 -25.43
C GLU A 124 -11.37 -9.56 -24.28
N CYS A 125 -11.91 -9.66 -23.07
CA CYS A 125 -11.14 -10.05 -21.90
C CYS A 125 -10.63 -11.48 -22.03
N LEU A 126 -11.50 -12.38 -22.48
CA LEU A 126 -11.13 -13.79 -22.66
C LEU A 126 -10.02 -13.95 -23.70
N GLN A 127 -10.03 -13.07 -24.71
CA GLN A 127 -9.00 -13.10 -25.74
C GLN A 127 -7.64 -12.78 -25.15
N ALA A 128 -7.59 -11.79 -24.26
CA ALA A 128 -6.36 -11.41 -23.60
C ALA A 128 -5.89 -12.53 -22.67
N LEU A 129 -6.83 -13.12 -21.94
CA LEU A 129 -6.51 -14.22 -21.03
C LEU A 129 -5.99 -15.43 -21.79
N GLU A 130 -6.68 -15.78 -22.88
CA GLU A 130 -6.29 -16.94 -23.69
C GLU A 130 -4.89 -16.78 -24.26
N PHE A 131 -4.51 -15.54 -24.55
CA PHE A 131 -3.16 -15.24 -25.00
C PHE A 131 -2.15 -15.35 -23.86
N LEU A 132 -2.48 -14.76 -22.72
CA LEU A 132 -1.61 -14.80 -21.55
C LEU A 132 -1.35 -16.23 -21.08
N HIS A 133 -2.42 -17.01 -20.98
CA HIS A 133 -2.34 -18.37 -20.47
C HIS A 133 -1.58 -19.31 -21.41
N SER A 134 -1.67 -19.04 -22.72
CA SER A 134 -0.93 -19.83 -23.69
C SER A 134 0.57 -19.54 -23.58
N ASN A 135 0.90 -18.44 -22.92
CA ASN A 135 2.30 -18.09 -22.67
C ASN A 135 2.67 -18.21 -21.20
N GLN A 136 2.01 -19.12 -20.49
CA GLN A 136 2.28 -19.40 -19.08
C GLN A 136 2.22 -18.17 -18.18
N VAL A 137 1.38 -17.21 -18.55
CA VAL A 137 1.26 -15.98 -17.78
C VAL A 137 -0.10 -15.88 -17.09
N ILE A 138 -0.08 -15.63 -15.77
CA ILE A 138 -1.30 -15.40 -15.02
C ILE A 138 -1.32 -13.97 -14.50
N HIS A 139 -2.39 -13.26 -14.77
CA HIS A 139 -2.53 -11.86 -14.37
C HIS A 139 -2.68 -11.73 -12.85
N ARG A 140 -3.62 -12.50 -12.30
CA ARG A 140 -3.85 -12.60 -10.85
C ARG A 140 -4.47 -11.37 -10.19
N ASN A 141 -4.92 -10.41 -10.99
CA ASN A 141 -5.64 -9.26 -10.45
C ASN A 141 -6.71 -8.73 -11.42
N ILE A 142 -7.43 -9.65 -12.05
CA ILE A 142 -8.52 -9.27 -12.94
C ILE A 142 -9.66 -8.63 -12.16
N LYS A 143 -9.96 -7.39 -12.50
CA LYS A 143 -11.05 -6.65 -11.90
C LYS A 143 -11.33 -5.45 -12.80
N SER A 144 -12.55 -4.91 -12.70
CA SER A 144 -12.97 -3.81 -13.58
C SER A 144 -12.02 -2.61 -13.53
N ASP A 145 -11.34 -2.42 -12.40
CA ASP A 145 -10.37 -1.35 -12.26
C ASP A 145 -9.22 -1.52 -13.24
N ASN A 146 -8.95 -2.76 -13.63
CA ASN A 146 -7.84 -3.05 -14.53
C ASN A 146 -8.28 -3.29 -15.98
N ILE A 147 -9.53 -2.96 -16.29
CA ILE A 147 -10.00 -2.97 -17.66
C ILE A 147 -10.16 -1.55 -18.16
N LEU A 148 -9.53 -1.25 -19.30
CA LEU A 148 -9.59 0.08 -19.90
C LEU A 148 -10.47 0.07 -21.14
N LEU A 149 -11.22 1.15 -21.32
CA LEU A 149 -12.14 1.27 -22.45
C LEU A 149 -11.72 2.38 -23.40
N GLY A 150 -11.51 2.03 -24.67
CA GLY A 150 -11.18 3.01 -25.68
C GLY A 150 -12.40 3.84 -26.07
N MET A 151 -12.17 5.01 -26.64
CA MET A 151 -13.28 5.84 -27.08
C MET A 151 -14.06 5.18 -28.22
N ASP A 152 -13.42 4.23 -28.89
CA ASP A 152 -14.07 3.45 -29.95
C ASP A 152 -14.66 2.17 -29.38
N GLY A 153 -14.59 2.01 -28.06
CA GLY A 153 -15.15 0.85 -27.39
C GLY A 153 -14.18 -0.31 -27.28
N SER A 154 -12.89 -0.01 -27.42
CA SER A 154 -11.86 -1.04 -27.29
C SER A 154 -11.75 -1.48 -25.85
N VAL A 155 -11.31 -2.72 -25.65
CA VAL A 155 -11.14 -3.27 -24.30
C VAL A 155 -9.70 -3.75 -24.08
N LYS A 156 -9.02 -3.17 -23.10
CA LYS A 156 -7.65 -3.54 -22.81
C LYS A 156 -7.37 -3.87 -21.35
N LEU A 157 -6.71 -5.00 -21.14
CA LEU A 157 -6.30 -5.42 -19.81
C LEU A 157 -5.05 -4.64 -19.40
N THR A 158 -5.00 -4.20 -18.14
CA THR A 158 -3.87 -3.40 -17.68
C THR A 158 -3.37 -3.79 -16.28
N ASP A 159 -2.32 -3.08 -15.82
CA ASP A 159 -1.73 -3.27 -14.50
C ASP A 159 -1.28 -4.70 -14.21
N PHE A 160 -0.12 -5.08 -14.74
CA PHE A 160 0.40 -6.42 -14.55
C PHE A 160 1.41 -6.47 -13.40
N GLY A 161 1.16 -5.67 -12.36
CA GLY A 161 2.06 -5.60 -11.22
C GLY A 161 2.09 -6.86 -10.38
N PHE A 162 1.01 -7.64 -10.44
CA PHE A 162 0.93 -8.88 -9.68
C PHE A 162 1.12 -10.10 -10.57
N CYS A 163 1.55 -9.85 -11.81
CA CYS A 163 1.75 -10.90 -12.80
C CYS A 163 2.64 -12.05 -12.31
N ALA A 164 2.45 -13.23 -12.88
CA ALA A 164 3.23 -14.41 -12.51
C ALA A 164 3.45 -15.32 -13.70
N GLN A 165 4.65 -15.86 -13.81
CA GLN A 165 5.00 -16.78 -14.89
C GLN A 165 5.21 -18.19 -14.38
N ILE A 166 4.46 -19.14 -14.94
CA ILE A 166 4.57 -20.54 -14.54
C ILE A 166 5.41 -21.34 -15.54
N THR A 167 5.79 -22.54 -15.13
CA THR A 167 6.55 -23.46 -15.99
C THR A 167 6.09 -24.88 -15.71
N PRO A 168 6.20 -25.77 -16.71
CA PRO A 168 5.79 -27.18 -16.55
C PRO A 168 6.37 -27.87 -15.31
N GLU A 169 7.52 -27.41 -14.84
CA GLU A 169 8.14 -27.98 -13.64
C GLU A 169 7.40 -27.54 -12.37
N GLN A 170 6.91 -26.31 -12.38
CA GLN A 170 6.14 -25.77 -11.26
C GLN A 170 4.97 -24.94 -11.78
N SER A 171 4.00 -25.64 -12.38
CA SER A 171 2.89 -24.99 -13.08
C SER A 171 1.80 -24.49 -12.15
N LYS A 172 2.10 -24.44 -10.85
CA LYS A 172 1.16 -23.93 -9.87
C LYS A 172 1.81 -22.90 -8.96
N ARG A 173 1.00 -22.15 -8.24
CA ARG A 173 1.50 -21.15 -7.29
C ARG A 173 0.77 -21.25 -5.96
N SER A 174 1.24 -20.51 -4.96
CA SER A 174 0.61 -20.54 -3.64
C SER A 174 0.72 -19.19 -2.93
N GLU A 175 1.15 -18.17 -3.65
CA GLU A 175 1.25 -16.84 -3.08
C GLU A 175 -0.13 -16.17 -3.06
N MET A 176 -0.56 -15.77 -1.85
CA MET A 176 -1.86 -15.15 -1.67
C MET A 176 -1.86 -13.73 -2.25
N VAL A 177 -2.06 -13.62 -3.56
CA VAL A 177 -1.99 -12.34 -4.24
C VAL A 177 -3.29 -11.98 -4.96
N GLY A 178 -3.48 -10.69 -5.19
CA GLY A 178 -4.67 -10.20 -5.86
C GLY A 178 -5.45 -9.27 -4.95
N THR A 179 -6.66 -8.94 -5.37
CA THR A 179 -7.58 -8.16 -4.55
C THR A 179 -8.66 -9.09 -4.00
N PRO A 180 -8.78 -9.17 -2.67
CA PRO A 180 -9.65 -10.08 -1.90
C PRO A 180 -10.92 -10.50 -2.61
N TYR A 181 -11.80 -9.54 -2.91
CA TYR A 181 -13.13 -9.81 -3.43
C TYR A 181 -13.14 -10.53 -4.77
N TRP A 182 -12.10 -10.33 -5.56
CA TRP A 182 -12.01 -10.90 -6.89
C TRP A 182 -11.24 -12.22 -6.91
N MET A 183 -10.74 -12.64 -5.75
CA MET A 183 -9.88 -13.82 -5.67
C MET A 183 -10.59 -15.16 -5.81
N ALA A 184 -9.93 -16.08 -6.52
CA ALA A 184 -10.41 -17.45 -6.64
C ALA A 184 -10.30 -18.15 -5.29
N PRO A 185 -11.18 -19.12 -5.02
CA PRO A 185 -11.16 -19.85 -3.75
C PRO A 185 -9.82 -20.54 -3.50
N GLU A 186 -9.27 -21.17 -4.52
CA GLU A 186 -8.02 -21.93 -4.38
C GLU A 186 -6.85 -21.03 -4.01
N VAL A 187 -6.96 -19.74 -4.29
CA VAL A 187 -5.95 -18.77 -3.90
C VAL A 187 -6.19 -18.31 -2.46
N VAL A 188 -7.46 -18.16 -2.10
CA VAL A 188 -7.84 -17.74 -0.76
C VAL A 188 -7.44 -18.78 0.28
N THR A 189 -7.61 -20.06 -0.06
CA THR A 189 -7.32 -21.14 0.87
C THR A 189 -5.92 -21.74 0.65
N ARG A 190 -5.08 -21.00 -0.07
CA ARG A 190 -3.67 -21.33 -0.22
C ARG A 190 -3.38 -22.67 -0.89
N LYS A 191 -4.37 -23.23 -1.58
CA LYS A 191 -4.14 -24.43 -2.39
C LYS A 191 -3.26 -24.05 -3.57
N ALA A 192 -2.65 -25.05 -4.21
CA ALA A 192 -1.90 -24.82 -5.43
C ALA A 192 -2.86 -24.37 -6.52
N TYR A 193 -2.56 -23.25 -7.18
CA TYR A 193 -3.46 -22.72 -8.20
C TYR A 193 -2.81 -22.50 -9.56
N GLY A 194 -3.63 -22.47 -10.59
CA GLY A 194 -3.15 -22.27 -11.95
C GLY A 194 -3.76 -21.04 -12.62
N PRO A 195 -3.74 -21.01 -13.95
CA PRO A 195 -4.25 -19.89 -14.75
C PRO A 195 -5.77 -19.72 -14.64
N LYS A 196 -6.48 -20.72 -14.17
CA LYS A 196 -7.94 -20.64 -14.08
C LYS A 196 -8.43 -19.64 -13.04
N VAL A 197 -7.50 -19.11 -12.25
CA VAL A 197 -7.85 -18.09 -11.27
C VAL A 197 -8.22 -16.77 -11.94
N ASP A 198 -7.68 -16.56 -13.14
CA ASP A 198 -8.03 -15.38 -13.92
C ASP A 198 -9.46 -15.53 -14.42
N ILE A 199 -9.83 -16.75 -14.77
CA ILE A 199 -11.19 -17.07 -15.20
C ILE A 199 -12.19 -16.78 -14.10
N TRP A 200 -11.82 -17.11 -12.87
CA TRP A 200 -12.66 -16.84 -11.71
C TRP A 200 -12.93 -15.34 -11.56
N SER A 201 -11.85 -14.57 -11.55
CA SER A 201 -11.94 -13.13 -11.32
C SER A 201 -12.70 -12.46 -12.46
N LEU A 202 -12.64 -13.05 -13.65
CA LEU A 202 -13.43 -12.59 -14.77
C LEU A 202 -14.92 -12.80 -14.45
N GLY A 203 -15.22 -13.93 -13.83
CA GLY A 203 -16.57 -14.24 -13.41
C GLY A 203 -17.10 -13.23 -12.40
N ILE A 204 -16.26 -12.89 -11.43
CA ILE A 204 -16.59 -11.90 -10.41
C ILE A 204 -16.80 -10.53 -11.05
N MET A 205 -16.05 -10.26 -12.10
CA MET A 205 -16.12 -8.99 -12.79
C MET A 205 -17.40 -8.91 -13.63
N ALA A 206 -17.91 -10.07 -14.03
CA ALA A 206 -19.21 -10.11 -14.71
C ALA A 206 -20.31 -9.76 -13.71
N ILE A 207 -20.16 -10.24 -12.48
CA ILE A 207 -21.07 -9.88 -11.40
C ILE A 207 -21.07 -8.36 -11.17
N GLU A 208 -19.89 -7.76 -11.32
CA GLU A 208 -19.77 -6.31 -11.29
C GLU A 208 -20.67 -5.71 -12.36
N MET A 209 -20.51 -6.20 -13.58
CA MET A 209 -21.28 -5.69 -14.71
C MET A 209 -22.78 -5.95 -14.56
N ILE A 210 -23.13 -6.94 -13.75
CA ILE A 210 -24.53 -7.26 -13.48
C ILE A 210 -25.08 -6.45 -12.30
N GLU A 211 -24.34 -6.45 -11.19
CA GLU A 211 -24.84 -5.90 -9.94
C GLU A 211 -24.21 -4.56 -9.56
N GLY A 212 -23.14 -4.17 -10.23
CA GLY A 212 -22.49 -2.90 -9.97
C GLY A 212 -21.34 -2.99 -9.00
N GLU A 213 -21.14 -4.17 -8.41
CA GLU A 213 -20.06 -4.38 -7.44
C GLU A 213 -19.89 -5.88 -7.14
N PRO A 214 -18.67 -6.30 -6.77
CA PRO A 214 -18.41 -7.71 -6.48
C PRO A 214 -19.04 -8.15 -5.16
N PRO A 215 -19.29 -9.45 -5.00
CA PRO A 215 -19.89 -9.96 -3.75
C PRO A 215 -19.09 -9.54 -2.52
N TYR A 216 -19.79 -9.39 -1.40
CA TYR A 216 -19.17 -9.13 -0.10
C TYR A 216 -18.44 -7.80 -0.02
N LEU A 217 -18.64 -6.94 -1.01
CA LEU A 217 -17.93 -5.66 -1.06
C LEU A 217 -18.29 -4.79 0.15
N ASN A 218 -19.52 -4.92 0.64
CA ASN A 218 -19.94 -4.19 1.82
C ASN A 218 -19.13 -4.59 3.06
N GLU A 219 -18.67 -5.84 3.07
CA GLU A 219 -17.88 -6.36 4.18
C GLU A 219 -16.45 -5.81 4.16
N ASN A 220 -15.59 -6.45 4.94
CA ASN A 220 -14.18 -6.08 5.00
C ASN A 220 -13.33 -7.15 4.30
N PRO A 221 -12.17 -6.74 3.76
CA PRO A 221 -11.26 -7.63 3.00
C PRO A 221 -11.06 -9.00 3.63
N LEU A 222 -10.80 -9.05 4.93
CA LEU A 222 -10.57 -10.32 5.61
C LEU A 222 -11.87 -11.10 5.74
N ARG A 223 -12.95 -10.40 6.07
CA ARG A 223 -14.25 -11.03 6.16
C ARG A 223 -14.67 -11.59 4.80
N ALA A 224 -14.30 -10.87 3.74
CA ALA A 224 -14.58 -11.30 2.38
C ALA A 224 -13.83 -12.59 2.05
N LEU A 225 -12.55 -12.64 2.41
CA LEU A 225 -11.73 -13.84 2.22
C LEU A 225 -12.35 -15.04 2.93
N TYR A 226 -12.88 -14.80 4.13
CA TYR A 226 -13.57 -15.84 4.88
C TYR A 226 -14.86 -16.25 4.17
N LEU A 227 -15.63 -15.27 3.73
CA LEU A 227 -16.86 -15.53 3.01
C LEU A 227 -16.60 -16.33 1.74
N ILE A 228 -15.56 -15.93 1.00
CA ILE A 228 -15.18 -16.64 -0.22
C ILE A 228 -14.77 -18.07 0.09
N ALA A 229 -14.06 -18.24 1.20
CA ALA A 229 -13.62 -19.55 1.64
C ALA A 229 -14.81 -20.44 2.00
N THR A 230 -15.76 -19.87 2.75
CA THR A 230 -16.93 -20.62 3.20
C THR A 230 -17.97 -20.78 2.09
N ASN A 231 -18.51 -19.66 1.61
CA ASN A 231 -19.60 -19.68 0.62
C ASN A 231 -19.22 -20.37 -0.69
N GLY A 232 -17.95 -20.29 -1.06
CA GLY A 232 -17.50 -20.83 -2.33
C GLY A 232 -18.09 -20.03 -3.48
N THR A 233 -18.86 -20.69 -4.34
CA THR A 233 -19.48 -20.04 -5.48
C THR A 233 -20.53 -19.01 -5.03
N PRO A 234 -20.28 -17.73 -5.32
CA PRO A 234 -21.14 -16.62 -4.89
C PRO A 234 -22.50 -16.66 -5.56
N GLU A 235 -23.47 -15.98 -4.97
CA GLU A 235 -24.85 -16.03 -5.47
C GLU A 235 -25.40 -14.65 -5.81
N LEU A 236 -26.11 -14.55 -6.92
CA LEU A 236 -26.71 -13.30 -7.37
C LEU A 236 -27.87 -12.93 -6.45
N GLN A 237 -28.08 -11.64 -6.23
CA GLN A 237 -29.26 -11.18 -5.50
C GLN A 237 -30.52 -11.54 -6.30
N ASN A 238 -30.49 -11.23 -7.59
CA ASN A 238 -31.59 -11.51 -8.48
C ASN A 238 -31.17 -12.30 -9.73
N PRO A 239 -30.92 -13.61 -9.56
CA PRO A 239 -30.41 -14.49 -10.61
C PRO A 239 -31.40 -14.68 -11.76
N GLU A 240 -32.67 -14.42 -11.50
CA GLU A 240 -33.73 -14.61 -12.49
C GLU A 240 -33.70 -13.55 -13.57
N LYS A 241 -32.99 -12.44 -13.29
CA LYS A 241 -32.90 -11.34 -14.23
C LYS A 241 -31.93 -11.64 -15.37
N LEU A 242 -31.27 -12.79 -15.30
CA LEU A 242 -30.30 -13.19 -16.31
C LEU A 242 -30.83 -14.29 -17.22
N SER A 243 -30.46 -14.25 -18.49
CA SER A 243 -30.85 -15.29 -19.44
C SER A 243 -30.23 -16.63 -19.03
N ALA A 244 -30.79 -17.71 -19.57
CA ALA A 244 -30.28 -19.05 -19.29
C ALA A 244 -28.88 -19.26 -19.86
N ILE A 245 -28.59 -18.56 -20.96
CA ILE A 245 -27.29 -18.70 -21.61
C ILE A 245 -26.22 -17.90 -20.86
N PHE A 246 -26.65 -16.93 -20.06
CA PHE A 246 -25.73 -16.12 -19.27
C PHE A 246 -25.40 -16.81 -17.96
N ARG A 247 -26.42 -17.37 -17.30
CA ARG A 247 -26.22 -18.08 -16.04
C ARG A 247 -25.29 -19.27 -16.20
N ASP A 248 -25.35 -19.91 -17.36
CA ASP A 248 -24.46 -21.03 -17.65
C ASP A 248 -23.03 -20.54 -17.84
N PHE A 249 -22.88 -19.37 -18.44
CA PHE A 249 -21.58 -18.76 -18.64
C PHE A 249 -20.91 -18.44 -17.30
N LEU A 250 -21.67 -17.79 -16.42
CA LEU A 250 -21.18 -17.45 -15.09
C LEU A 250 -20.74 -18.68 -14.31
N ASN A 251 -21.58 -19.72 -14.33
CA ASN A 251 -21.31 -20.92 -13.56
C ASN A 251 -20.14 -21.75 -14.09
N ARG A 252 -19.66 -21.42 -15.28
CA ARG A 252 -18.49 -22.07 -15.84
C ARG A 252 -17.24 -21.19 -15.61
N CYS A 253 -17.48 -20.00 -15.11
CA CYS A 253 -16.39 -19.10 -14.70
C CYS A 253 -16.16 -19.21 -13.20
N LEU A 254 -17.23 -19.56 -12.48
CA LEU A 254 -17.20 -19.57 -11.03
C LEU A 254 -17.32 -20.99 -10.45
N GLU A 255 -17.00 -21.98 -11.27
CA GLU A 255 -17.06 -23.37 -10.84
C GLU A 255 -15.98 -23.67 -9.80
N MET A 256 -16.40 -24.08 -8.60
CA MET A 256 -15.49 -24.41 -7.51
C MET A 256 -14.45 -25.43 -7.93
N ASP A 257 -14.89 -26.46 -8.64
CA ASP A 257 -13.99 -27.49 -9.12
C ASP A 257 -13.12 -26.95 -10.25
N VAL A 258 -11.84 -26.73 -9.95
CA VAL A 258 -10.89 -26.22 -10.92
C VAL A 258 -10.85 -27.11 -12.16
N GLU A 259 -11.12 -28.39 -11.96
CA GLU A 259 -11.21 -29.34 -13.06
C GLU A 259 -12.38 -29.01 -13.98
N LYS A 260 -13.52 -28.68 -13.39
CA LYS A 260 -14.76 -28.45 -14.13
C LYS A 260 -14.92 -26.99 -14.53
N ARG A 261 -14.00 -26.14 -14.09
CA ARG A 261 -14.03 -24.72 -14.44
C ARG A 261 -13.48 -24.50 -15.84
N GLY A 262 -14.12 -23.62 -16.59
CA GLY A 262 -13.71 -23.35 -17.96
C GLY A 262 -12.38 -22.63 -18.06
N SER A 263 -11.68 -22.86 -19.17
CA SER A 263 -10.46 -22.13 -19.47
C SER A 263 -10.77 -21.09 -20.54
N ALA A 264 -9.87 -20.13 -20.72
CA ALA A 264 -10.11 -19.02 -21.64
C ALA A 264 -10.34 -19.49 -23.08
N LYS A 265 -9.62 -20.53 -23.47
CA LYS A 265 -9.71 -21.07 -24.83
C LYS A 265 -11.10 -21.62 -25.12
N GLU A 266 -11.66 -22.34 -24.14
CA GLU A 266 -12.95 -22.99 -24.32
C GLU A 266 -14.12 -22.10 -23.95
N LEU A 267 -13.85 -21.04 -23.19
CA LEU A 267 -14.89 -20.09 -22.81
C LEU A 267 -15.16 -19.11 -23.95
N LEU A 268 -14.20 -18.95 -24.85
CA LEU A 268 -14.36 -18.13 -26.04
C LEU A 268 -15.35 -18.78 -27.02
N GLN A 269 -15.67 -20.04 -26.77
CA GLN A 269 -16.56 -20.79 -27.63
C GLN A 269 -17.98 -20.84 -27.09
N HIS A 270 -18.18 -20.20 -25.93
CA HIS A 270 -19.49 -20.21 -25.28
C HIS A 270 -20.51 -19.43 -26.09
N GLN A 271 -21.77 -19.86 -26.00
CA GLN A 271 -22.84 -19.27 -26.80
C GLN A 271 -23.25 -17.89 -26.30
N PHE A 272 -22.87 -17.56 -25.06
CA PHE A 272 -23.18 -16.25 -24.50
C PHE A 272 -22.43 -15.14 -25.25
N LEU A 273 -21.28 -15.48 -25.81
CA LEU A 273 -20.48 -14.50 -26.53
C LEU A 273 -20.98 -14.32 -27.96
N LYS A 274 -21.93 -15.17 -28.37
CA LYS A 274 -22.50 -15.07 -29.71
C LYS A 274 -23.47 -13.90 -29.82
N ILE A 275 -24.18 -13.63 -28.74
CA ILE A 275 -25.15 -12.54 -28.72
C ILE A 275 -24.48 -11.20 -28.41
N ALA A 276 -23.16 -11.15 -28.57
CA ALA A 276 -22.38 -9.95 -28.29
C ALA A 276 -22.70 -8.83 -29.28
N LYS A 277 -22.80 -7.60 -28.76
CA LYS A 277 -23.01 -6.43 -29.58
C LYS A 277 -21.66 -5.89 -30.07
N PRO A 278 -21.67 -5.10 -31.15
CA PRO A 278 -20.42 -4.46 -31.59
C PRO A 278 -19.87 -3.56 -30.50
N LEU A 279 -18.54 -3.49 -30.40
CA LEU A 279 -17.87 -2.72 -29.36
C LEU A 279 -18.28 -1.24 -29.31
N SER A 280 -18.85 -0.74 -30.40
CA SER A 280 -19.28 0.65 -30.46
C SER A 280 -20.45 0.92 -29.53
N SER A 281 -21.16 -0.14 -29.13
CA SER A 281 -22.28 0.00 -28.22
C SER A 281 -21.83 0.32 -26.80
N LEU A 282 -20.53 0.14 -26.53
CA LEU A 282 -19.98 0.39 -25.20
C LEU A 282 -19.68 1.87 -24.98
N THR A 283 -19.63 2.63 -26.06
CA THR A 283 -19.28 4.05 -25.97
C THR A 283 -20.33 4.97 -25.31
N PRO A 284 -21.63 4.69 -25.48
CA PRO A 284 -22.57 5.50 -24.70
C PRO A 284 -22.45 5.23 -23.20
N LEU A 285 -22.03 4.02 -22.84
CA LEU A 285 -21.77 3.69 -21.45
C LEU A 285 -20.61 4.52 -20.91
N ILE A 286 -19.67 4.84 -21.78
CA ILE A 286 -18.51 5.66 -21.41
C ILE A 286 -18.94 7.10 -21.19
N ALA A 287 -19.80 7.60 -22.09
CA ALA A 287 -20.36 8.93 -21.97
C ALA A 287 -21.12 9.06 -20.66
N ALA A 288 -22.00 8.10 -20.41
CA ALA A 288 -22.80 8.08 -19.18
C ALA A 288 -21.92 7.96 -17.94
N ALA A 289 -20.85 7.17 -18.05
CA ALA A 289 -19.92 7.00 -16.94
C ALA A 289 -19.26 8.33 -16.57
N LYS A 290 -18.88 9.11 -17.57
CA LYS A 290 -18.19 10.37 -17.33
C LYS A 290 -19.12 11.46 -16.78
N GLU A 291 -20.41 11.32 -17.06
CA GLU A 291 -21.38 12.30 -16.61
C GLU A 291 -21.70 12.16 -15.12
N ALA A 292 -21.70 10.92 -14.63
CA ALA A 292 -21.93 10.67 -13.22
C ALA A 292 -20.65 10.94 -12.43
N THR A 293 -19.51 10.81 -13.10
CA THR A 293 -18.21 11.07 -12.50
C THR A 293 -18.02 12.55 -12.16
N LYS A 294 -18.54 13.41 -13.02
CA LYS A 294 -18.47 14.86 -12.81
C LYS A 294 -19.08 15.29 -11.48
N GLU B 7 -6.75 33.92 6.54
CA GLU B 7 -6.20 34.85 7.52
C GLU B 7 -6.02 34.20 8.89
N LYS B 8 -6.45 32.95 9.00
CA LYS B 8 -6.25 32.16 10.21
C LYS B 8 -4.76 31.84 10.38
N LEU B 9 -4.05 31.80 9.26
CA LEU B 9 -2.63 31.44 9.24
C LEU B 9 -1.74 32.53 9.82
N ARG B 10 -2.10 33.79 9.60
CA ARG B 10 -1.29 34.92 10.06
C ARG B 10 -1.14 34.95 11.57
N SER B 11 -2.06 34.28 12.27
CA SER B 11 -2.05 34.23 13.72
C SER B 11 -0.94 33.36 14.26
N ILE B 12 -0.63 32.27 13.56
CA ILE B 12 0.38 31.31 14.01
C ILE B 12 1.77 31.62 13.47
N VAL B 13 1.87 31.73 12.15
CA VAL B 13 3.16 31.85 11.48
C VAL B 13 3.98 33.03 11.98
N SER B 14 5.29 32.94 11.80
CA SER B 14 6.21 33.94 12.32
C SER B 14 6.66 34.89 11.22
N VAL B 15 6.95 36.13 11.61
CA VAL B 15 7.59 37.07 10.70
C VAL B 15 9.04 36.66 10.54
N GLY B 16 9.62 36.95 9.38
CA GLY B 16 11.01 36.59 9.13
C GLY B 16 11.17 35.58 8.03
N ASP B 17 12.24 35.74 7.25
CA ASP B 17 12.54 34.86 6.13
C ASP B 17 13.12 33.55 6.64
N PRO B 18 12.43 32.43 6.38
CA PRO B 18 12.94 31.12 6.78
C PRO B 18 14.11 30.69 5.92
N LYS B 19 14.30 31.36 4.78
CA LYS B 19 15.44 31.05 3.92
C LYS B 19 16.75 31.61 4.48
N LYS B 20 16.63 32.69 5.25
CA LYS B 20 17.79 33.30 5.90
C LYS B 20 18.08 32.65 7.25
N LYS B 21 17.02 32.24 7.95
CA LYS B 21 17.17 31.69 9.29
C LYS B 21 17.68 30.26 9.30
N TYR B 22 17.43 29.54 8.21
CA TYR B 22 17.81 28.13 8.15
C TYR B 22 18.72 27.84 6.95
N THR B 23 19.65 26.91 7.13
CA THR B 23 20.59 26.54 6.10
C THR B 23 20.69 25.03 5.96
N ARG B 24 21.62 24.58 5.12
CA ARG B 24 21.83 23.15 4.84
C ARG B 24 20.53 22.39 4.56
N PHE B 25 19.70 22.95 3.69
CA PHE B 25 18.45 22.30 3.32
C PHE B 25 18.68 21.03 2.51
N GLU B 26 18.99 19.95 3.21
CA GLU B 26 19.09 18.64 2.57
C GLU B 26 17.75 17.94 2.65
N LYS B 27 17.37 17.27 1.57
CA LYS B 27 16.02 16.71 1.46
C LYS B 27 15.92 15.32 2.06
N ILE B 28 15.32 15.23 3.24
CA ILE B 28 15.11 13.95 3.91
C ILE B 28 14.23 13.04 3.06
N GLY B 29 13.26 13.64 2.39
CA GLY B 29 12.41 12.88 1.48
C GLY B 29 11.02 13.46 1.31
N GLN B 30 10.63 13.67 0.06
CA GLN B 30 9.29 14.14 -0.26
C GLN B 30 8.31 12.97 -0.25
N GLY B 31 7.02 13.29 -0.23
CA GLY B 31 5.98 12.27 -0.19
C GLY B 31 4.60 12.90 -0.04
N ALA B 32 3.75 12.26 0.76
CA ALA B 32 2.42 12.79 1.05
C ALA B 32 2.52 13.90 2.09
N SER B 33 1.46 14.69 2.22
CA SER B 33 1.42 15.82 3.17
C SER B 33 2.50 16.85 2.88
N GLY B 34 2.93 16.93 1.62
CA GLY B 34 3.93 17.89 1.21
C GLY B 34 5.33 17.29 1.12
N THR B 35 6.33 18.16 1.19
CA THR B 35 7.72 17.72 1.14
C THR B 35 8.41 18.02 2.47
N VAL B 36 9.24 17.11 2.95
CA VAL B 36 9.95 17.31 4.20
C VAL B 36 11.44 17.55 3.95
N TYR B 37 12.03 18.46 4.71
CA TYR B 37 13.45 18.77 4.59
C TYR B 37 14.17 18.70 5.93
N THR B 38 15.49 18.50 5.87
CA THR B 38 16.33 18.61 7.05
C THR B 38 17.14 19.90 6.90
N ALA B 39 17.28 20.63 7.99
CA ALA B 39 18.01 21.89 7.96
C ALA B 39 18.61 22.22 9.32
N MET B 40 19.40 23.29 9.37
CA MET B 40 20.03 23.72 10.61
C MET B 40 19.80 25.20 10.87
N ASP B 41 19.47 25.53 12.11
CA ASP B 41 19.28 26.91 12.53
C ASP B 41 20.61 27.67 12.44
N VAL B 42 20.64 28.67 11.57
CA VAL B 42 21.83 29.50 11.33
C VAL B 42 22.31 30.20 12.60
N ALA B 43 21.40 30.47 13.52
CA ALA B 43 21.71 31.24 14.72
C ALA B 43 22.13 30.39 15.91
N THR B 44 21.69 29.13 15.95
CA THR B 44 21.88 28.30 17.14
C THR B 44 22.64 27.01 16.86
N GLY B 45 22.44 26.46 15.67
CA GLY B 45 23.08 25.20 15.30
C GLY B 45 22.11 24.04 15.44
N GLN B 46 20.93 24.33 15.97
CA GLN B 46 19.90 23.32 16.15
C GLN B 46 19.45 22.74 14.82
N GLU B 47 19.50 21.42 14.71
CA GLU B 47 19.07 20.74 13.50
C GLU B 47 17.58 20.45 13.55
N VAL B 48 16.87 20.78 12.47
CA VAL B 48 15.41 20.73 12.45
C VAL B 48 14.88 20.00 11.22
N ALA B 49 13.64 19.53 11.33
CA ALA B 49 12.92 18.98 10.18
C ALA B 49 11.82 19.96 9.78
N ILE B 50 11.81 20.37 8.52
CA ILE B 50 10.83 21.35 8.06
C ILE B 50 9.86 20.76 7.04
N LYS B 51 8.58 20.71 7.39
CA LYS B 51 7.56 20.19 6.50
C LYS B 51 7.06 21.27 5.55
N GLN B 52 7.46 21.14 4.29
CA GLN B 52 7.14 22.12 3.26
C GLN B 52 5.92 21.65 2.49
N MET B 53 4.76 22.20 2.83
CA MET B 53 3.52 21.75 2.23
C MET B 53 2.77 22.85 1.47
N ASN B 54 2.59 22.64 0.16
CA ASN B 54 1.84 23.57 -0.65
C ASN B 54 0.38 23.58 -0.23
N LEU B 55 -0.05 24.69 0.37
CA LEU B 55 -1.39 24.79 0.92
C LEU B 55 -2.45 24.90 -0.16
N GLN B 56 -2.47 26.04 -0.85
CA GLN B 56 -3.43 26.26 -1.93
C GLN B 56 -2.88 25.77 -3.26
N GLN B 57 -3.54 24.77 -3.85
CA GLN B 57 -4.71 24.17 -3.23
C GLN B 57 -4.50 22.72 -2.82
N GLN B 58 -4.92 22.40 -1.61
CA GLN B 58 -4.99 21.03 -1.14
C GLN B 58 -6.15 20.94 -0.15
N PRO B 59 -7.21 20.20 -0.53
CA PRO B 59 -8.46 20.11 0.24
C PRO B 59 -8.23 19.75 1.71
N LYS B 60 -9.23 20.05 2.53
CA LYS B 60 -9.09 19.97 3.99
C LYS B 60 -7.97 20.87 4.47
N LYS B 61 -7.92 22.08 3.92
CA LYS B 61 -6.92 23.06 4.31
C LYS B 61 -7.16 23.49 5.76
N GLU B 62 -8.41 23.39 6.21
CA GLU B 62 -8.78 23.76 7.56
C GLU B 62 -8.20 22.76 8.57
N LEU B 63 -8.23 21.49 8.21
CA LEU B 63 -7.78 20.40 9.08
C LEU B 63 -6.33 20.56 9.52
N ILE B 64 -5.47 20.95 8.58
CA ILE B 64 -4.04 21.09 8.85
C ILE B 64 -3.76 22.18 9.89
N ILE B 65 -4.44 23.32 9.74
CA ILE B 65 -4.26 24.45 10.64
C ILE B 65 -4.60 24.06 12.09
N ASN B 66 -5.68 23.30 12.25
CA ASN B 66 -6.12 22.86 13.58
C ASN B 66 -5.07 22.02 14.32
N GLU B 67 -4.46 21.09 13.60
CA GLU B 67 -3.44 20.22 14.20
C GLU B 67 -2.27 21.05 14.71
N ILE B 68 -1.82 22.00 13.89
CA ILE B 68 -0.73 22.90 14.24
C ILE B 68 -1.05 23.70 15.50
N LEU B 69 -2.27 24.24 15.55
CA LEU B 69 -2.77 24.98 16.71
C LEU B 69 -2.62 24.16 17.98
N VAL B 70 -2.95 22.87 17.90
CA VAL B 70 -2.88 21.99 19.06
C VAL B 70 -1.43 21.67 19.42
N MET B 71 -0.62 21.38 18.41
CA MET B 71 0.76 21.00 18.62
C MET B 71 1.56 22.05 19.38
N ARG B 72 1.24 23.32 19.14
CA ARG B 72 1.93 24.42 19.79
C ARG B 72 1.59 24.48 21.29
N GLU B 73 0.41 23.98 21.64
CA GLU B 73 -0.06 24.03 23.02
C GLU B 73 0.40 22.82 23.82
N ASN B 74 0.42 21.66 23.18
CA ASN B 74 0.76 20.42 23.86
C ASN B 74 2.13 19.88 23.47
N LYS B 75 3.15 20.24 24.24
CA LYS B 75 4.51 19.79 23.97
C LYS B 75 4.94 18.71 24.96
N ASN B 76 5.75 17.77 24.47
CA ASN B 76 6.21 16.65 25.28
C ASN B 76 7.60 16.16 24.86
N PRO B 77 8.49 15.94 25.84
CA PRO B 77 9.88 15.52 25.62
C PRO B 77 10.03 14.29 24.71
N ASN B 78 9.10 13.36 24.81
CA ASN B 78 9.24 12.10 24.06
C ASN B 78 8.58 12.09 22.68
N ILE B 79 8.18 13.26 22.20
CA ILE B 79 7.66 13.39 20.85
C ILE B 79 8.40 14.50 20.10
N VAL B 80 8.41 14.41 18.77
CA VAL B 80 8.93 15.49 17.95
C VAL B 80 7.97 16.68 18.04
N ASN B 81 8.42 17.76 18.67
CA ASN B 81 7.57 18.90 18.93
C ASN B 81 7.64 20.02 17.89
N TYR B 82 6.55 20.77 17.79
CA TYR B 82 6.45 21.93 16.90
C TYR B 82 7.35 23.05 17.42
N LEU B 83 8.04 23.72 16.50
CA LEU B 83 8.95 24.80 16.88
C LEU B 83 8.47 26.15 16.35
N ASP B 84 8.16 26.19 15.06
CA ASP B 84 7.80 27.44 14.41
C ASP B 84 7.09 27.14 13.09
N SER B 85 6.43 28.15 12.54
CA SER B 85 5.81 28.03 11.21
C SER B 85 5.95 29.32 10.41
N TYR B 86 6.05 29.19 9.09
CA TYR B 86 6.22 30.34 8.22
C TYR B 86 5.33 30.21 6.98
N LEU B 87 4.83 31.33 6.50
CA LEU B 87 4.16 31.35 5.20
C LEU B 87 5.17 31.78 4.13
N VAL B 88 5.41 30.90 3.17
CA VAL B 88 6.36 31.18 2.11
C VAL B 88 5.70 31.12 0.74
N GLY B 89 4.90 32.14 0.43
CA GLY B 89 4.23 32.24 -0.86
C GLY B 89 3.35 31.05 -1.19
N ASP B 90 2.15 31.03 -0.62
CA ASP B 90 1.17 29.96 -0.83
C ASP B 90 1.63 28.61 -0.29
N GLU B 91 2.82 28.59 0.32
CA GLU B 91 3.34 27.41 0.98
C GLU B 91 3.44 27.65 2.47
N LEU B 92 3.09 26.65 3.26
CA LEU B 92 3.21 26.74 4.70
C LEU B 92 4.35 25.86 5.19
N TRP B 93 5.41 26.48 5.68
CA TRP B 93 6.52 25.73 6.26
C TRP B 93 6.26 25.54 7.74
N VAL B 94 6.38 24.30 8.20
CA VAL B 94 6.29 24.02 9.63
C VAL B 94 7.62 23.49 10.15
N VAL B 95 8.22 24.21 11.08
CA VAL B 95 9.53 23.83 11.63
C VAL B 95 9.38 22.90 12.83
N MET B 96 10.07 21.76 12.77
CA MET B 96 9.97 20.74 13.82
C MET B 96 11.32 20.46 14.46
N GLU B 97 11.29 19.77 15.60
CA GLU B 97 12.50 19.23 16.21
C GLU B 97 12.99 18.04 15.40
N TYR B 98 14.30 17.84 15.41
CA TYR B 98 14.91 16.70 14.72
C TYR B 98 16.06 16.14 15.54
N LEU B 99 16.41 14.89 15.27
CA LEU B 99 17.49 14.22 15.98
C LEU B 99 18.42 13.53 14.98
N ALA B 100 19.72 13.74 15.14
CA ALA B 100 20.70 13.23 14.18
C ALA B 100 21.22 11.84 14.52
N GLY B 101 20.55 11.15 15.43
CA GLY B 101 20.99 9.83 15.86
C GLY B 101 20.30 8.70 15.11
N GLY B 102 19.61 9.03 14.03
CA GLY B 102 18.99 8.04 13.19
C GLY B 102 17.71 7.46 13.75
N SER B 103 17.19 6.44 13.06
CA SER B 103 15.98 5.76 13.47
C SER B 103 16.30 4.55 14.35
N LEU B 104 15.30 4.07 15.07
CA LEU B 104 15.45 2.85 15.85
C LEU B 104 15.69 1.66 14.93
N THR B 105 15.10 1.71 13.73
CA THR B 105 15.27 0.65 12.73
C THR B 105 16.75 0.36 12.46
N ASP B 106 17.52 1.43 12.21
CA ASP B 106 18.94 1.30 11.91
C ASP B 106 19.70 0.63 13.05
N VAL B 107 19.40 1.02 14.28
CA VAL B 107 20.02 0.44 15.46
C VAL B 107 19.69 -1.05 15.59
N VAL B 108 18.44 -1.40 15.32
CA VAL B 108 17.99 -2.79 15.41
C VAL B 108 18.69 -3.71 14.40
N THR B 109 18.80 -3.27 13.15
CA THR B 109 19.32 -4.11 12.08
C THR B 109 20.85 -4.26 12.08
N GLU B 110 21.54 -3.26 12.60
CA GLU B 110 23.00 -3.25 12.52
C GLU B 110 23.69 -3.72 13.80
N THR B 111 22.94 -3.75 14.90
CA THR B 111 23.47 -4.25 16.17
C THR B 111 22.47 -5.18 16.84
N CYS B 112 22.77 -5.57 18.07
CA CYS B 112 21.82 -6.31 18.89
C CYS B 112 21.70 -5.66 20.25
N MET B 113 20.46 -5.40 20.65
CA MET B 113 20.19 -4.70 21.90
C MET B 113 19.91 -5.70 23.02
N ASP B 114 20.41 -5.41 24.21
CA ASP B 114 20.06 -6.23 25.37
C ASP B 114 18.73 -5.77 25.96
N GLU B 115 18.18 -6.55 26.88
CA GLU B 115 16.87 -6.27 27.45
C GLU B 115 16.83 -4.94 28.19
N GLY B 116 17.94 -4.58 28.83
CA GLY B 116 18.04 -3.34 29.57
C GLY B 116 17.95 -2.12 28.67
N GLN B 117 18.47 -2.25 27.46
CA GLN B 117 18.37 -1.18 26.47
C GLN B 117 16.99 -1.15 25.85
N ILE B 118 16.43 -2.33 25.58
CA ILE B 118 15.08 -2.47 25.03
C ILE B 118 14.04 -1.88 25.98
N ALA B 119 14.24 -2.10 27.28
CA ALA B 119 13.31 -1.60 28.29
C ALA B 119 13.33 -0.08 28.37
N ALA B 120 14.52 0.51 28.19
CA ALA B 120 14.67 1.95 28.19
C ALA B 120 13.86 2.59 27.07
N VAL B 121 13.91 1.98 25.90
CA VAL B 121 13.18 2.47 24.73
C VAL B 121 11.67 2.32 24.93
N CYS B 122 11.27 1.19 25.49
CA CYS B 122 9.85 0.94 25.76
C CYS B 122 9.33 1.95 26.77
N ARG B 123 10.14 2.31 27.76
CA ARG B 123 9.74 3.27 28.77
C ARG B 123 9.52 4.65 28.17
N GLU B 124 10.44 5.07 27.29
CA GLU B 124 10.34 6.38 26.65
C GLU B 124 9.16 6.47 25.68
N CYS B 125 8.92 5.38 24.95
CA CYS B 125 7.78 5.32 24.04
C CYS B 125 6.46 5.35 24.81
N LEU B 126 6.42 4.64 25.93
CA LEU B 126 5.23 4.60 26.79
C LEU B 126 4.93 5.97 27.37
N GLN B 127 5.97 6.71 27.74
CA GLN B 127 5.80 8.06 28.26
C GLN B 127 5.19 8.98 27.20
N ALA B 128 5.55 8.75 25.95
CA ALA B 128 4.98 9.47 24.83
C ALA B 128 3.53 9.05 24.62
N LEU B 129 3.28 7.75 24.74
CA LEU B 129 1.93 7.22 24.51
C LEU B 129 0.95 7.67 25.59
N GLU B 130 1.42 7.72 26.83
CA GLU B 130 0.61 8.22 27.94
C GLU B 130 0.15 9.66 27.67
N PHE B 131 1.06 10.44 27.10
CA PHE B 131 0.78 11.82 26.75
C PHE B 131 -0.23 11.91 25.61
N LEU B 132 0.02 11.16 24.54
CA LEU B 132 -0.85 11.18 23.38
C LEU B 132 -2.25 10.66 23.69
N HIS B 133 -2.33 9.60 24.49
CA HIS B 133 -3.61 8.99 24.82
C HIS B 133 -4.44 9.83 25.78
N SER B 134 -3.77 10.60 26.65
CA SER B 134 -4.48 11.47 27.59
C SER B 134 -5.01 12.71 26.86
N ASN B 135 -4.50 12.95 25.66
CA ASN B 135 -4.96 14.07 24.85
C ASN B 135 -5.75 13.60 23.63
N GLN B 136 -6.36 12.43 23.75
CA GLN B 136 -7.29 11.90 22.74
C GLN B 136 -6.63 11.61 21.40
N VAL B 137 -5.34 11.30 21.40
CA VAL B 137 -4.62 11.04 20.15
C VAL B 137 -4.17 9.59 20.04
N ILE B 138 -4.37 9.00 18.86
CA ILE B 138 -3.90 7.66 18.58
C ILE B 138 -2.88 7.69 17.45
N HIS B 139 -1.69 7.16 17.72
CA HIS B 139 -0.60 7.20 16.74
C HIS B 139 -0.87 6.31 15.52
N ARG B 140 -1.26 5.07 15.79
CA ARG B 140 -1.54 4.06 14.76
C ARG B 140 -0.30 3.55 14.02
N ASN B 141 0.83 4.22 14.23
CA ASN B 141 2.04 3.87 13.49
C ASN B 141 3.28 3.73 14.35
N ILE B 142 3.13 3.05 15.48
CA ILE B 142 4.27 2.78 16.35
C ILE B 142 5.10 1.66 15.76
N LYS B 143 6.23 2.04 15.16
CA LYS B 143 7.19 1.10 14.61
C LYS B 143 8.56 1.75 14.54
N SER B 144 9.60 0.93 14.46
CA SER B 144 10.98 1.38 14.66
C SER B 144 11.43 2.58 13.82
N ASP B 145 11.00 2.66 12.56
CA ASP B 145 11.40 3.78 11.71
C ASP B 145 10.67 5.08 12.04
N ASN B 146 9.69 5.02 12.94
CA ASN B 146 9.02 6.21 13.44
C ASN B 146 9.53 6.62 14.82
N ILE B 147 10.63 6.01 15.23
CA ILE B 147 11.28 6.36 16.49
C ILE B 147 12.63 6.98 16.20
N LEU B 148 12.81 8.24 16.61
CA LEU B 148 14.06 8.94 16.37
C LEU B 148 14.95 8.96 17.61
N LEU B 149 16.24 8.75 17.40
CA LEU B 149 17.20 8.74 18.49
C LEU B 149 18.09 9.97 18.45
N GLY B 150 18.47 10.44 19.63
CA GLY B 150 19.43 11.53 19.74
C GLY B 150 20.79 10.98 20.13
N MET B 151 21.84 11.69 19.76
CA MET B 151 23.21 11.28 20.06
C MET B 151 23.42 11.12 21.57
N ASP B 152 22.58 11.78 22.35
CA ASP B 152 22.63 11.65 23.80
C ASP B 152 21.82 10.44 24.29
N GLY B 153 21.15 9.77 23.36
CA GLY B 153 20.39 8.58 23.68
C GLY B 153 18.90 8.82 23.82
N SER B 154 18.50 10.09 23.72
CA SER B 154 17.10 10.46 23.86
C SER B 154 16.22 9.80 22.81
N VAL B 155 14.93 9.67 23.13
CA VAL B 155 13.98 9.00 22.26
C VAL B 155 12.76 9.88 21.98
N LYS B 156 12.35 9.95 20.71
CA LYS B 156 11.17 10.72 20.33
C LYS B 156 10.29 9.99 19.32
N LEU B 157 8.97 10.17 19.45
CA LEU B 157 8.02 9.64 18.48
C LEU B 157 7.85 10.61 17.31
N THR B 158 7.50 10.08 16.15
CA THR B 158 7.30 10.92 14.98
C THR B 158 6.31 10.30 14.00
N ASP B 159 5.87 11.11 13.03
CA ASP B 159 4.96 10.68 11.96
C ASP B 159 3.58 10.29 12.49
N PHE B 160 2.76 11.29 12.79
CA PHE B 160 1.39 11.07 13.25
C PHE B 160 0.53 12.32 13.07
N GLU B 169 -9.11 3.32 3.16
CA GLU B 169 -7.75 3.85 3.26
C GLU B 169 -6.81 3.72 2.03
N GLN B 170 -6.69 2.57 1.33
CA GLN B 170 -7.49 1.33 1.37
C GLN B 170 -8.96 1.51 0.96
N SER B 171 -9.19 1.56 -0.35
CA SER B 171 -10.52 1.76 -0.89
C SER B 171 -11.23 0.43 -1.08
N LYS B 172 -10.75 -0.59 -0.37
CA LYS B 172 -11.18 -1.98 -0.55
C LYS B 172 -10.80 -2.54 -1.92
N ARG B 173 -10.98 -1.72 -2.95
CA ARG B 173 -10.70 -2.11 -4.33
C ARG B 173 -9.20 -2.20 -4.60
N SER B 174 -8.42 -1.35 -3.95
CA SER B 174 -6.97 -1.31 -4.17
C SER B 174 -6.29 -2.50 -3.52
N GLU B 175 -5.03 -2.73 -3.92
CA GLU B 175 -4.28 -3.88 -3.43
C GLU B 175 -3.56 -3.53 -2.14
N MET B 176 -3.14 -4.56 -1.42
CA MET B 176 -2.29 -4.36 -0.25
C MET B 176 -0.83 -4.51 -0.65
N VAL B 177 -0.06 -3.44 -0.51
CA VAL B 177 1.36 -3.48 -0.80
C VAL B 177 2.16 -3.30 0.48
N GLY B 178 2.82 -4.36 0.91
CA GLY B 178 3.59 -4.34 2.14
C GLY B 178 2.73 -4.71 3.34
N THR B 179 3.26 -5.58 4.19
CA THR B 179 2.54 -6.06 5.36
C THR B 179 2.50 -5.03 6.47
N PRO B 180 1.30 -4.74 6.99
CA PRO B 180 1.15 -3.91 8.19
C PRO B 180 1.40 -4.74 9.45
N TYR B 181 2.65 -5.09 9.70
CA TYR B 181 3.02 -6.02 10.77
C TYR B 181 2.73 -5.52 12.17
N TRP B 182 2.54 -4.21 12.31
CA TRP B 182 2.42 -3.60 13.63
C TRP B 182 0.98 -3.43 14.13
N MET B 183 0.00 -3.76 13.30
CA MET B 183 -1.38 -3.44 13.61
C MET B 183 -2.09 -4.43 14.54
N ALA B 184 -2.87 -3.90 15.47
CA ALA B 184 -3.65 -4.70 16.41
C ALA B 184 -4.65 -5.58 15.67
N PRO B 185 -5.01 -6.73 16.28
CA PRO B 185 -5.99 -7.64 15.67
C PRO B 185 -7.31 -6.95 15.38
N GLU B 186 -7.75 -6.07 16.27
CA GLU B 186 -9.01 -5.38 16.10
C GLU B 186 -8.98 -4.39 14.93
N VAL B 187 -7.81 -3.85 14.64
CA VAL B 187 -7.62 -2.99 13.48
C VAL B 187 -7.72 -3.83 12.21
N VAL B 188 -7.09 -5.01 12.23
CA VAL B 188 -7.12 -5.93 11.10
C VAL B 188 -8.51 -6.55 10.95
N THR B 189 -8.93 -7.32 11.95
CA THR B 189 -10.32 -7.77 12.02
C THR B 189 -11.13 -6.50 12.26
N ARG B 190 -11.32 -5.74 11.19
CA ARG B 190 -11.72 -4.33 11.25
C ARG B 190 -12.91 -4.02 12.14
N LYS B 191 -12.93 -2.80 12.65
CA LYS B 191 -14.00 -2.28 13.49
C LYS B 191 -13.63 -0.85 13.88
N ALA B 192 -13.97 -0.46 15.10
CA ALA B 192 -13.45 0.77 15.69
C ALA B 192 -12.38 0.38 16.69
N TYR B 193 -11.49 1.31 17.03
CA TYR B 193 -10.38 0.98 17.92
C TYR B 193 -9.94 2.16 18.78
N GLY B 194 -9.39 1.85 19.96
CA GLY B 194 -8.96 2.86 20.89
C GLY B 194 -7.45 3.06 20.91
N PRO B 195 -6.95 3.75 21.94
CA PRO B 195 -5.53 4.06 22.11
C PRO B 195 -4.67 2.80 22.21
N LYS B 196 -5.27 1.71 22.69
CA LYS B 196 -4.52 0.48 22.96
C LYS B 196 -4.01 -0.25 21.72
N VAL B 197 -4.30 0.30 20.54
CA VAL B 197 -3.72 -0.25 19.32
C VAL B 197 -2.28 0.20 19.18
N ASP B 198 -1.93 1.25 19.93
CA ASP B 198 -0.56 1.75 19.98
C ASP B 198 0.24 0.85 20.90
N ILE B 199 -0.37 0.50 22.02
CA ILE B 199 0.22 -0.43 22.98
C ILE B 199 0.58 -1.74 22.29
N TRP B 200 -0.36 -2.26 21.50
CA TRP B 200 -0.13 -3.47 20.73
C TRP B 200 1.12 -3.33 19.87
N SER B 201 1.15 -2.27 19.07
CA SER B 201 2.25 -2.01 18.16
C SER B 201 3.59 -1.93 18.90
N LEU B 202 3.59 -1.27 20.05
CA LEU B 202 4.78 -1.14 20.87
C LEU B 202 5.34 -2.51 21.21
N GLY B 203 4.46 -3.43 21.58
CA GLY B 203 4.84 -4.80 21.85
C GLY B 203 5.48 -5.47 20.65
N ILE B 204 4.83 -5.34 19.49
CA ILE B 204 5.39 -5.84 18.24
C ILE B 204 6.77 -5.23 17.98
N MET B 205 6.91 -3.94 18.26
CA MET B 205 8.19 -3.26 18.09
C MET B 205 9.23 -3.78 19.06
N ALA B 206 8.78 -4.13 20.27
CA ALA B 206 9.66 -4.67 21.29
C ALA B 206 10.23 -6.02 20.87
N ILE B 207 9.38 -6.84 20.27
CA ILE B 207 9.81 -8.11 19.71
C ILE B 207 10.86 -7.89 18.62
N GLU B 208 10.57 -6.94 17.72
CA GLU B 208 11.50 -6.58 16.66
C GLU B 208 12.87 -6.16 17.20
N MET B 209 12.86 -5.47 18.34
CA MET B 209 14.10 -5.01 18.97
C MET B 209 15.00 -6.17 19.39
N ILE B 210 14.41 -7.27 19.85
CA ILE B 210 15.19 -8.40 20.34
C ILE B 210 15.47 -9.43 19.25
N GLU B 211 14.62 -9.49 18.24
CA GLU B 211 14.81 -10.46 17.15
C GLU B 211 15.56 -9.87 15.95
N GLY B 212 15.61 -8.54 15.88
CA GLY B 212 16.38 -7.86 14.85
C GLY B 212 15.58 -7.52 13.61
N GLU B 213 14.33 -7.96 13.57
CA GLU B 213 13.46 -7.73 12.41
C GLU B 213 12.00 -7.88 12.81
N PRO B 214 11.11 -7.11 12.16
CA PRO B 214 9.68 -7.18 12.48
C PRO B 214 9.08 -8.54 12.15
N PRO B 215 8.15 -9.02 12.98
CA PRO B 215 7.45 -10.29 12.72
C PRO B 215 6.51 -10.14 11.54
N TYR B 216 5.98 -11.24 11.03
CA TYR B 216 5.02 -11.21 9.92
C TYR B 216 5.58 -10.58 8.65
N LEU B 217 6.89 -10.31 8.64
CA LEU B 217 7.51 -9.57 7.55
C LEU B 217 7.46 -10.37 6.24
N ASN B 218 8.11 -11.53 6.24
CA ASN B 218 8.21 -12.33 5.02
C ASN B 218 7.06 -13.31 4.80
N GLU B 219 5.85 -12.87 5.13
CA GLU B 219 4.63 -13.57 4.73
C GLU B 219 3.96 -12.69 3.69
N ASN B 220 3.02 -13.25 2.94
CA ASN B 220 2.18 -12.43 2.07
C ASN B 220 1.37 -11.49 2.94
N PRO B 221 1.15 -10.26 2.48
CA PRO B 221 0.38 -9.29 3.24
C PRO B 221 -1.00 -9.81 3.65
N LEU B 222 -1.70 -10.44 2.72
CA LEU B 222 -3.03 -10.99 3.00
C LEU B 222 -2.97 -12.25 3.85
N ARG B 223 -1.88 -12.98 3.77
CA ARG B 223 -1.65 -14.11 4.64
C ARG B 223 -1.44 -13.62 6.08
N ALA B 224 -0.76 -12.47 6.20
CA ALA B 224 -0.38 -11.94 7.50
C ALA B 224 -1.57 -11.40 8.28
N LEU B 225 -2.45 -10.70 7.58
CA LEU B 225 -3.67 -10.17 8.16
C LEU B 225 -4.49 -11.26 8.85
N TYR B 226 -4.56 -12.43 8.22
CA TYR B 226 -5.23 -13.57 8.82
C TYR B 226 -4.53 -13.97 10.12
N LEU B 227 -3.21 -13.97 10.10
CA LEU B 227 -2.42 -14.36 11.27
C LEU B 227 -2.60 -13.38 12.42
N ILE B 228 -2.46 -12.08 12.12
CA ILE B 228 -2.66 -11.03 13.10
C ILE B 228 -4.06 -11.11 13.71
N ALA B 229 -5.04 -11.42 12.88
CA ALA B 229 -6.43 -11.50 13.32
C ALA B 229 -6.68 -12.68 14.25
N THR B 230 -6.26 -13.87 13.84
CA THR B 230 -6.48 -15.07 14.64
C THR B 230 -5.47 -15.22 15.78
N ASN B 231 -4.21 -15.48 15.43
CA ASN B 231 -3.17 -15.71 16.42
C ASN B 231 -2.82 -14.48 17.23
N GLY B 232 -2.81 -13.33 16.56
CA GLY B 232 -2.40 -12.08 17.18
C GLY B 232 -0.96 -11.74 16.84
N THR B 233 -0.03 -12.30 17.60
CA THR B 233 1.39 -12.14 17.36
C THR B 233 1.99 -13.53 17.18
N PRO B 234 3.05 -13.66 16.36
CA PRO B 234 3.59 -15.01 16.18
C PRO B 234 4.32 -15.46 17.43
N GLU B 235 4.50 -16.76 17.58
CA GLU B 235 5.36 -17.26 18.64
C GLU B 235 6.78 -16.79 18.35
N LEU B 236 7.54 -16.49 19.40
CA LEU B 236 8.91 -16.04 19.23
C LEU B 236 9.74 -17.12 18.55
N GLN B 237 10.79 -16.72 17.84
CA GLN B 237 11.70 -17.66 17.19
C GLN B 237 12.26 -18.61 18.24
N ASN B 238 12.98 -18.04 19.21
CA ASN B 238 13.39 -18.78 20.39
C ASN B 238 13.02 -17.98 21.63
N PRO B 239 11.90 -18.36 22.27
CA PRO B 239 11.34 -17.61 23.40
C PRO B 239 12.18 -17.75 24.66
N GLU B 240 12.97 -18.81 24.74
CA GLU B 240 13.80 -19.03 25.91
C GLU B 240 14.97 -18.04 25.96
N LYS B 241 15.18 -17.35 24.85
CA LYS B 241 16.18 -16.29 24.79
C LYS B 241 15.69 -15.02 25.48
N LEU B 242 14.43 -15.01 25.87
CA LEU B 242 13.87 -13.87 26.59
C LEU B 242 13.72 -14.20 28.06
N SER B 243 13.90 -13.20 28.92
CA SER B 243 13.71 -13.40 30.35
C SER B 243 12.23 -13.55 30.66
N ALA B 244 11.92 -13.98 31.89
CA ALA B 244 10.53 -14.18 32.28
C ALA B 244 9.79 -12.85 32.32
N ILE B 245 10.42 -11.85 32.91
CA ILE B 245 9.80 -10.54 33.08
C ILE B 245 9.62 -9.83 31.74
N PHE B 246 10.46 -10.17 30.77
CA PHE B 246 10.34 -9.62 29.43
C PHE B 246 9.10 -10.16 28.73
N ARG B 247 8.96 -11.48 28.73
CA ARG B 247 7.82 -12.12 28.10
C ARG B 247 6.48 -11.63 28.66
N ASP B 248 6.45 -11.41 29.98
CA ASP B 248 5.25 -10.92 30.64
C ASP B 248 4.88 -9.55 30.11
N PHE B 249 5.87 -8.69 29.95
CA PHE B 249 5.66 -7.37 29.36
C PHE B 249 5.07 -7.51 27.96
N LEU B 250 5.61 -8.45 27.19
CA LEU B 250 5.10 -8.73 25.85
C LEU B 250 3.68 -9.29 25.92
N ASN B 251 3.40 -10.11 26.94
CA ASN B 251 2.07 -10.69 27.11
C ASN B 251 1.00 -9.67 27.41
N ARG B 252 1.35 -8.65 28.19
CA ARG B 252 0.42 -7.58 28.53
C ARG B 252 0.18 -6.67 27.32
N CYS B 253 1.23 -6.47 26.52
CA CYS B 253 1.15 -5.62 25.34
C CYS B 253 0.35 -6.28 24.22
N LEU B 254 0.44 -7.59 24.12
CA LEU B 254 -0.10 -8.31 22.97
C LEU B 254 -1.27 -9.20 23.33
N GLU B 255 -2.05 -8.77 24.32
CA GLU B 255 -3.27 -9.46 24.70
C GLU B 255 -4.35 -9.14 23.67
N MET B 256 -4.96 -10.16 23.10
CA MET B 256 -5.97 -9.93 22.07
C MET B 256 -7.26 -9.32 22.64
N ASP B 257 -7.51 -9.57 23.92
CA ASP B 257 -8.63 -8.93 24.61
C ASP B 257 -8.24 -7.49 24.94
N VAL B 258 -8.93 -6.54 24.32
CA VAL B 258 -8.60 -5.12 24.44
C VAL B 258 -8.61 -4.59 25.89
N GLU B 259 -9.64 -4.95 26.65
CA GLU B 259 -9.75 -4.52 28.05
C GLU B 259 -8.66 -5.16 28.93
N LYS B 260 -8.29 -6.38 28.59
CA LYS B 260 -7.28 -7.11 29.35
C LYS B 260 -5.88 -6.55 29.08
N ARG B 261 -5.66 -6.14 27.83
CA ARG B 261 -4.42 -5.49 27.42
C ARG B 261 -4.19 -4.24 28.26
N GLY B 262 -2.93 -3.93 28.53
CA GLY B 262 -2.61 -2.82 29.42
C GLY B 262 -2.66 -1.46 28.77
N SER B 263 -2.91 -0.44 29.58
CA SER B 263 -2.84 0.94 29.12
C SER B 263 -1.42 1.43 29.28
N ALA B 264 -1.10 2.58 28.68
CA ALA B 264 0.23 3.16 28.80
C ALA B 264 0.54 3.48 30.25
N LYS B 265 -0.46 3.96 30.98
CA LYS B 265 -0.30 4.30 32.38
C LYS B 265 0.01 3.06 33.21
N GLU B 266 -0.69 1.96 32.89
CA GLU B 266 -0.49 0.71 33.59
C GLU B 266 0.88 0.10 33.30
N LEU B 267 1.22 0.00 32.02
CA LEU B 267 2.48 -0.63 31.62
C LEU B 267 3.72 0.13 32.07
N LEU B 268 3.56 1.40 32.41
CA LEU B 268 4.66 2.19 32.92
C LEU B 268 5.07 1.79 34.33
N GLN B 269 4.22 1.00 34.98
CA GLN B 269 4.52 0.50 36.33
C GLN B 269 5.03 -0.93 36.28
N HIS B 270 5.10 -1.50 35.08
CA HIS B 270 5.53 -2.87 34.90
C HIS B 270 6.96 -3.06 35.39
N GLN B 271 7.25 -4.25 35.91
CA GLN B 271 8.57 -4.55 36.47
C GLN B 271 9.66 -4.51 35.42
N PHE B 272 9.32 -4.90 34.19
CA PHE B 272 10.31 -4.98 33.12
C PHE B 272 11.02 -3.66 32.85
N LEU B 273 10.30 -2.56 32.98
CA LEU B 273 10.88 -1.24 32.73
C LEU B 273 11.89 -0.85 33.81
N LYS B 274 11.91 -1.62 34.89
CA LYS B 274 12.80 -1.30 36.01
C LYS B 274 14.21 -1.85 35.84
N ILE B 275 14.44 -2.63 34.79
CA ILE B 275 15.80 -3.08 34.48
C ILE B 275 16.45 -2.18 33.43
N ALA B 276 15.81 -1.04 33.16
CA ALA B 276 16.26 -0.12 32.12
C ALA B 276 17.65 0.44 32.38
N LYS B 277 18.53 0.29 31.39
CA LYS B 277 19.84 0.92 31.42
C LYS B 277 19.67 2.42 31.19
N PRO B 278 20.70 3.21 31.52
CA PRO B 278 20.66 4.63 31.17
C PRO B 278 20.50 4.82 29.67
N LEU B 279 19.87 5.91 29.26
CA LEU B 279 19.69 6.20 27.84
C LEU B 279 21.02 6.35 27.13
N SER B 280 22.05 6.75 27.89
CA SER B 280 23.40 6.90 27.35
C SER B 280 23.94 5.56 26.82
N SER B 281 23.45 4.46 27.35
CA SER B 281 23.86 3.14 26.90
C SER B 281 23.39 2.83 25.48
N LEU B 282 22.60 3.74 24.91
CA LEU B 282 22.19 3.62 23.51
C LEU B 282 23.20 4.31 22.59
N THR B 283 23.92 5.29 23.15
CA THR B 283 24.91 6.05 22.38
C THR B 283 25.91 5.20 21.58
N PRO B 284 26.46 4.12 22.18
CA PRO B 284 27.33 3.27 21.36
C PRO B 284 26.59 2.55 20.24
N LEU B 285 25.33 2.19 20.48
CA LEU B 285 24.52 1.52 19.45
C LEU B 285 24.29 2.45 18.26
N ILE B 286 24.11 3.73 18.57
CA ILE B 286 23.90 4.74 17.53
C ILE B 286 25.19 4.96 16.74
N ALA B 287 26.32 4.99 17.45
CA ALA B 287 27.61 5.14 16.82
C ALA B 287 27.93 3.94 15.94
N ALA B 288 27.53 2.76 16.41
CA ALA B 288 27.74 1.54 15.64
C ALA B 288 26.87 1.50 14.39
N ALA B 289 25.61 1.89 14.54
CA ALA B 289 24.68 1.96 13.41
C ALA B 289 25.21 2.91 12.33
N LYS B 290 25.66 4.09 12.76
CA LYS B 290 26.20 5.10 11.85
C LYS B 290 27.38 4.54 11.04
N GLU B 291 28.30 3.89 11.74
CA GLU B 291 29.45 3.26 11.09
C GLU B 291 28.99 2.16 10.13
N ALA B 292 27.97 1.41 10.54
CA ALA B 292 27.49 0.28 9.76
C ALA B 292 26.77 0.69 8.48
N THR B 293 26.06 1.81 8.53
CA THR B 293 25.40 2.33 7.33
C THR B 293 26.43 2.81 6.33
N LYS B 294 27.14 3.88 6.66
CA LYS B 294 28.19 4.40 5.81
C LYS B 294 29.38 4.89 6.63
C1 2OL C . -8.31 3.63 -14.64
O2 2OL C . -7.24 4.49 -14.24
C3 2OL C . -7.02 5.61 -15.11
C4 2OL C . -5.57 6.09 -14.94
N5 2OL C . -4.71 5.48 -15.96
C6 2OL C . -3.86 4.42 -15.68
N7 2OL C . -3.50 4.01 -14.49
C8 2OL C . -2.66 2.94 -14.60
C9 2OL C . -2.00 2.13 -13.67
C10 2OL C . -1.20 1.11 -14.08
C11 2OL C . -1.02 0.86 -15.44
C12 2OL C . -1.68 1.65 -16.38
C13 2OL C . -2.50 2.70 -15.99
N14 2OL C . -3.27 3.65 -16.65
C15 2OL C . -3.45 3.84 -18.03
C16 2OL C . -2.57 3.38 -19.01
C17 2OL C . -2.85 3.61 -20.34
N18 2OL C . -3.95 4.27 -20.67
C19 2OL C . -4.77 4.70 -19.74
N20 2OL C . -4.54 4.48 -18.44
N21 2OL C . -5.91 5.38 -20.10
C22 2OL C . -0.20 -0.22 -15.90
C23 2OL C . 0.47 -1.06 -16.36
C24 2OL C . 1.31 -2.13 -16.91
C25 2OL C . 0.64 -2.68 -18.18
C26 2OL C . 1.54 -3.69 -18.88
C27 2OL C . 2.87 -3.01 -19.26
C28 2OL C . 3.56 -2.53 -17.99
C29 2OL C . 2.67 -1.51 -17.27
O30 2OL C . 1.49 -3.19 -15.96
#